data_6AWS
#
_entry.id   6AWS
#
_cell.length_a   181.568
_cell.length_b   52.318
_cell.length_c   57.497
_cell.angle_alpha   90.00
_cell.angle_beta   94.51
_cell.angle_gamma   90.00
#
_symmetry.space_group_name_H-M   'C 1 2 1'
#
loop_
_entity.id
_entity.type
_entity.pdbx_description
1 polymer 'Ara h 8 allergen'
2 non-polymer 'SODIUM ION'
3 non-polymer "3,5,7,3',4'-PENTAHYDROXYFLAVONE"
4 non-polymer 'UNKNOWN LIGAND'
5 non-polymer 'CHLORIDE ION'
6 water water
#
_entity_poly.entity_id   1
_entity_poly.type   'polypeptide(L)'
_entity_poly.pdbx_seq_one_letter_code
;MGVFTFEDEITSTVPPAKLYNAMKDADSITPKIIDDVKSVEIVEGNGGPGTIKKLTIVEDGETKFILHKVESIDEANYAY
NYSVVGGVALPPTAEKITFETKLVEGPNGGSIGKLTLKYHTKGDAKPDEEELKKGKAKGEGLFRAIEGYVLANPTQY
;
_entity_poly.pdbx_strand_id   A,B,C
#
# COMPACT_ATOMS: atom_id res chain seq x y z
N GLY A 2 -28.95 -1.00 -2.79
CA GLY A 2 -29.12 -2.20 -1.93
C GLY A 2 -27.79 -2.80 -1.57
N VAL A 3 -27.82 -3.94 -0.89
CA VAL A 3 -26.58 -4.63 -0.51
C VAL A 3 -26.52 -6.01 -1.19
N PHE A 4 -25.36 -6.31 -1.74
CA PHE A 4 -25.03 -7.62 -2.28
C PHE A 4 -23.92 -8.27 -1.46
N THR A 5 -24.20 -9.43 -0.92
CA THR A 5 -23.29 -10.13 -0.02
C THR A 5 -22.86 -11.46 -0.62
N PHE A 6 -21.58 -11.80 -0.51
CA PHE A 6 -21.14 -13.17 -0.72
C PHE A 6 -19.83 -13.46 0.00
N GLU A 7 -19.50 -14.74 -0.01
CA GLU A 7 -18.42 -15.31 0.80
C GLU A 7 -17.45 -16.09 -0.04
N ASP A 8 -16.16 -15.90 0.22
CA ASP A 8 -15.11 -16.70 -0.37
C ASP A 8 -14.10 -17.17 0.69
N GLU A 9 -13.29 -18.15 0.29
CA GLU A 9 -12.29 -18.73 1.16
C GLU A 9 -10.95 -18.88 0.45
N ILE A 10 -9.90 -18.83 1.25
CA ILE A 10 -8.54 -19.05 0.75
C ILE A 10 -7.73 -19.75 1.85
N THR A 11 -6.72 -20.51 1.44
CA THR A 11 -5.89 -21.31 2.35
C THR A 11 -4.45 -20.84 2.40
N SER A 12 -3.81 -21.13 3.53
CA SER A 12 -2.40 -20.87 3.71
C SER A 12 -1.73 -21.94 4.54
N THR A 13 -0.43 -22.16 4.28
CA THR A 13 0.36 -23.04 5.15
C THR A 13 0.81 -22.34 6.43
N VAL A 14 0.65 -21.01 6.49
CA VAL A 14 1.05 -20.23 7.64
C VAL A 14 -0.05 -20.30 8.67
N PRO A 15 0.30 -20.48 9.95
CA PRO A 15 -0.72 -20.55 11.01
C PRO A 15 -1.32 -19.19 11.27
N PRO A 16 -2.54 -19.17 11.79
CA PRO A 16 -3.38 -17.93 11.79
C PRO A 16 -2.92 -16.83 12.73
N ALA A 17 -2.44 -17.16 13.92
CA ALA A 17 -1.83 -16.14 14.81
C ALA A 17 -0.68 -15.40 14.10
N LYS A 18 0.24 -16.14 13.49
CA LYS A 18 1.31 -15.53 12.71
C LYS A 18 0.77 -14.66 11.57
N LEU A 19 -0.11 -15.23 10.77
CA LEU A 19 -0.62 -14.51 9.63
C LEU A 19 -1.36 -13.25 10.06
N TYR A 20 -2.12 -13.33 11.14
CA TYR A 20 -2.83 -12.18 11.64
C TYR A 20 -1.87 -11.09 12.05
N ASN A 21 -0.82 -11.43 12.78
CA ASN A 21 0.18 -10.42 13.19
C ASN A 21 0.85 -9.76 11.99
N ALA A 22 1.14 -10.57 10.98
CA ALA A 22 1.64 -10.07 9.71
C ALA A 22 0.67 -9.12 9.00
N MET A 23 -0.63 -9.41 9.03
CA MET A 23 -1.64 -8.51 8.44
C MET A 23 -1.66 -7.11 9.04
N LYS A 24 -1.36 -6.98 10.33
CA LYS A 24 -1.22 -5.66 10.96
C LYS A 24 -0.11 -4.78 10.37
N ASP A 25 0.91 -5.43 9.81
CA ASP A 25 2.00 -4.71 9.22
C ASP A 25 1.86 -4.56 7.71
N ALA A 26 0.69 -4.83 7.18
CA ALA A 26 0.41 -4.72 5.74
C ALA A 26 0.72 -3.36 5.13
N ASP A 27 0.56 -2.29 5.90
CA ASP A 27 0.94 -0.97 5.43
C ASP A 27 2.42 -0.86 5.01
N SER A 28 3.30 -1.50 5.77
CA SER A 28 4.75 -1.52 5.48
C SER A 28 5.16 -2.62 4.50
N ILE A 29 4.51 -3.77 4.55
CA ILE A 29 4.87 -4.90 3.69
C ILE A 29 4.43 -4.74 2.24
N THR A 30 3.18 -4.34 2.07
CA THR A 30 2.55 -4.33 0.77
C THR A 30 3.29 -3.51 -0.31
N PRO A 31 3.79 -2.32 0.02
CA PRO A 31 4.51 -1.54 -0.96
C PRO A 31 5.77 -2.20 -1.49
N LYS A 32 6.43 -2.99 -0.63
CA LYS A 32 7.70 -3.64 -1.01
C LYS A 32 7.46 -4.72 -2.05
N ILE A 33 6.47 -5.57 -1.76
CA ILE A 33 6.19 -6.78 -2.55
C ILE A 33 5.42 -6.55 -3.82
N ILE A 34 4.40 -5.73 -3.74
CA ILE A 34 3.49 -5.47 -4.87
C ILE A 34 4.02 -4.27 -5.64
N ASP A 35 4.28 -4.50 -6.92
CA ASP A 35 4.93 -3.53 -7.76
C ASP A 35 4.09 -2.24 -7.77
N ASP A 36 2.79 -2.37 -8.06
CA ASP A 36 1.90 -1.23 -8.23
C ASP A 36 1.64 -0.39 -6.96
N VAL A 37 1.73 -0.99 -5.79
CA VAL A 37 1.50 -0.22 -4.57
C VAL A 37 2.77 0.53 -4.16
N LYS A 38 2.66 1.85 -4.08
CA LYS A 38 3.80 2.70 -3.74
C LYS A 38 3.85 3.10 -2.28
N SER A 39 2.70 3.39 -1.70
CA SER A 39 2.65 3.74 -0.29
C SER A 39 1.26 3.54 0.26
N VAL A 40 1.22 3.38 1.57
CA VAL A 40 -0.03 3.38 2.30
C VAL A 40 0.17 4.35 3.46
N GLU A 41 -0.64 5.41 3.49
CA GLU A 41 -0.51 6.43 4.54
C GLU A 41 -1.82 6.60 5.27
N ILE A 42 -1.70 6.90 6.54
CA ILE A 42 -2.84 7.21 7.37
C ILE A 42 -3.21 8.67 7.19
N VAL A 43 -4.41 8.94 6.69
CA VAL A 43 -4.92 10.29 6.58
C VAL A 43 -5.42 10.82 7.94
N GLU A 44 -6.13 9.99 8.69
CA GLU A 44 -6.59 10.40 10.00
C GLU A 44 -6.89 9.18 10.83
N GLY A 45 -6.63 9.26 12.13
CA GLY A 45 -6.92 8.17 13.08
C GLY A 45 -5.67 7.49 13.63
N ASN A 46 -5.87 6.60 14.62
CA ASN A 46 -4.78 5.87 15.30
C ASN A 46 -4.59 4.42 14.85
N GLY A 47 -5.17 4.05 13.71
CA GLY A 47 -5.13 2.67 13.18
C GLY A 47 -6.34 1.80 13.53
N GLY A 48 -7.03 2.15 14.61
CA GLY A 48 -8.26 1.46 14.98
C GLY A 48 -9.49 1.95 14.22
N PRO A 49 -10.68 1.54 14.67
CA PRO A 49 -11.93 1.78 13.93
C PRO A 49 -12.14 3.24 13.58
N GLY A 50 -12.58 3.51 12.35
CA GLY A 50 -12.74 4.87 11.86
C GLY A 50 -11.52 5.48 11.19
N THR A 51 -10.39 4.80 11.27
CA THR A 51 -9.17 5.33 10.66
C THR A 51 -9.35 5.34 9.15
N ILE A 52 -8.91 6.40 8.50
CA ILE A 52 -8.98 6.49 7.05
C ILE A 52 -7.58 6.40 6.52
N LYS A 53 -7.40 5.58 5.46
CA LYS A 53 -6.11 5.36 4.84
C LYS A 53 -6.18 5.64 3.36
N LYS A 54 -5.06 6.14 2.83
CA LYS A 54 -4.94 6.48 1.44
C LYS A 54 -3.85 5.57 0.88
N LEU A 55 -4.21 4.80 -0.14
CA LEU A 55 -3.28 3.91 -0.84
C LEU A 55 -2.92 4.53 -2.14
N THR A 56 -1.64 4.68 -2.41
CA THR A 56 -1.22 5.20 -3.67
C THR A 56 -0.70 4.08 -4.53
N ILE A 57 -1.20 4.00 -5.76
CA ILE A 57 -0.77 3.00 -6.73
C ILE A 57 -0.43 3.64 -8.07
N VAL A 58 0.17 2.86 -8.96
CA VAL A 58 0.31 3.24 -10.38
C VAL A 58 -0.11 2.11 -11.31
N GLU A 59 -1.04 2.39 -12.21
CA GLU A 59 -1.43 1.42 -13.27
C GLU A 59 -1.24 2.11 -14.60
N ASP A 60 -0.51 1.46 -15.50
CA ASP A 60 -0.27 1.97 -16.85
C ASP A 60 0.29 3.39 -16.84
N GLY A 61 1.22 3.65 -15.92
CA GLY A 61 1.90 4.95 -15.82
C GLY A 61 1.20 6.04 -15.03
N GLU A 62 -0.08 5.89 -14.71
CA GLU A 62 -0.81 6.96 -14.05
C GLU A 62 -0.92 6.68 -12.57
N THR A 63 -0.60 7.67 -11.75
CA THR A 63 -0.72 7.55 -10.31
C THR A 63 -2.17 7.73 -9.91
N LYS A 64 -2.70 6.81 -9.10
CA LYS A 64 -4.10 6.83 -8.65
C LYS A 64 -4.13 6.61 -7.17
N PHE A 65 -5.28 6.83 -6.54
CA PHE A 65 -5.38 6.65 -5.10
C PHE A 65 -6.62 5.87 -4.73
N ILE A 66 -6.59 5.25 -3.54
CA ILE A 66 -7.72 4.48 -3.02
C ILE A 66 -7.88 4.77 -1.52
N LEU A 67 -9.13 4.89 -1.07
CA LEU A 67 -9.41 5.22 0.31
C LEU A 67 -10.07 4.08 1.01
N HIS A 68 -9.49 3.70 2.15
CA HIS A 68 -9.96 2.62 2.96
C HIS A 68 -10.37 3.19 4.27
N LYS A 69 -11.42 2.64 4.88
CA LYS A 69 -11.78 2.97 6.24
C LYS A 69 -11.78 1.72 7.05
N VAL A 70 -11.18 1.78 8.22
CA VAL A 70 -11.16 0.62 9.08
C VAL A 70 -12.50 0.56 9.79
N GLU A 71 -13.16 -0.60 9.73
CA GLU A 71 -14.49 -0.79 10.35
C GLU A 71 -14.38 -1.33 11.76
N SER A 72 -13.67 -2.44 11.95
CA SER A 72 -13.51 -3.05 13.27
C SER A 72 -12.36 -4.04 13.31
N ILE A 73 -11.96 -4.39 14.52
CA ILE A 73 -10.80 -5.19 14.79
C ILE A 73 -11.16 -6.06 15.99
N ASP A 74 -10.90 -7.36 15.88
CA ASP A 74 -11.05 -8.27 17.00
C ASP A 74 -9.86 -9.22 17.00
N GLU A 75 -8.81 -8.88 17.74
CA GLU A 75 -7.55 -9.64 17.69
C GLU A 75 -7.71 -11.09 18.24
N ALA A 76 -8.59 -11.27 19.22
CA ALA A 76 -8.88 -12.60 19.76
C ALA A 76 -9.37 -13.59 18.71
N ASN A 77 -10.16 -13.09 17.76
CA ASN A 77 -10.78 -13.90 16.72
C ASN A 77 -10.14 -13.70 15.33
N TYR A 78 -8.92 -13.18 15.30
CA TYR A 78 -8.16 -12.98 14.08
C TYR A 78 -9.00 -12.33 12.99
N ALA A 79 -9.60 -11.19 13.30
CA ALA A 79 -10.60 -10.55 12.44
C ALA A 79 -10.28 -9.08 12.21
N TYR A 80 -10.46 -8.63 10.97
CA TYR A 80 -10.22 -7.25 10.55
C TYR A 80 -11.26 -6.96 9.48
N ASN A 81 -11.96 -5.85 9.63
CA ASN A 81 -12.98 -5.45 8.65
C ASN A 81 -12.68 -4.06 8.20
N TYR A 82 -12.66 -3.85 6.89
CA TYR A 82 -12.38 -2.53 6.35
C TYR A 82 -13.20 -2.32 5.08
N SER A 83 -13.39 -1.06 4.69
CA SER A 83 -14.18 -0.74 3.52
C SER A 83 -13.44 0.15 2.59
N VAL A 84 -13.71 -0.03 1.30
CA VAL A 84 -13.32 0.93 0.30
C VAL A 84 -14.37 2.02 0.28
N VAL A 85 -13.98 3.26 0.55
CA VAL A 85 -14.91 4.40 0.58
C VAL A 85 -14.58 5.50 -0.41
N GLY A 86 -13.60 5.30 -1.27
CA GLY A 86 -13.27 6.27 -2.27
C GLY A 86 -12.10 5.89 -3.11
N GLY A 87 -11.89 6.65 -4.20
CA GLY A 87 -10.81 6.42 -5.13
C GLY A 87 -11.25 5.51 -6.27
N VAL A 88 -10.28 5.07 -7.05
CA VAL A 88 -10.50 4.29 -8.27
C VAL A 88 -11.23 2.98 -8.02
N ALA A 89 -10.92 2.36 -6.88
CA ALA A 89 -11.52 1.08 -6.51
C ALA A 89 -13.01 1.16 -6.13
N LEU A 90 -13.54 2.35 -5.84
CA LEU A 90 -14.96 2.55 -5.66
C LEU A 90 -15.55 2.96 -6.98
N PRO A 91 -16.42 2.15 -7.59
CA PRO A 91 -17.12 2.61 -8.79
C PRO A 91 -18.17 3.67 -8.47
N PRO A 92 -18.53 4.51 -9.45
CA PRO A 92 -19.47 5.63 -9.23
C PRO A 92 -20.90 5.21 -8.82
N THR A 93 -21.30 4.01 -9.24
CA THR A 93 -22.59 3.42 -8.88
C THR A 93 -22.66 2.92 -7.43
N ALA A 94 -21.49 2.62 -6.86
CA ALA A 94 -21.40 1.99 -5.54
C ALA A 94 -21.20 3.02 -4.43
N GLU A 95 -21.85 2.80 -3.31
CA GLU A 95 -21.74 3.66 -2.14
C GLU A 95 -20.50 3.29 -1.35
N LYS A 96 -20.20 1.99 -1.31
CA LYS A 96 -19.19 1.46 -0.39
C LYS A 96 -19.03 -0.03 -0.65
N ILE A 97 -17.82 -0.55 -0.42
CA ILE A 97 -17.58 -2.00 -0.51
C ILE A 97 -16.86 -2.45 0.73
N THR A 98 -17.43 -3.37 1.46
CA THR A 98 -16.88 -3.78 2.75
C THR A 98 -16.26 -5.16 2.64
N PHE A 99 -15.06 -5.31 3.22
CA PHE A 99 -14.39 -6.60 3.31
C PHE A 99 -14.35 -7.00 4.77
N GLU A 100 -15.07 -8.04 5.12
CA GLU A 100 -14.99 -8.59 6.47
C GLU A 100 -14.11 -9.86 6.45
N THR A 101 -13.01 -9.87 7.22
CA THR A 101 -12.05 -10.93 7.12
C THR A 101 -11.83 -11.63 8.45
N LYS A 102 -11.71 -12.95 8.37
CA LYS A 102 -11.51 -13.79 9.50
C LYS A 102 -10.47 -14.84 9.13
N LEU A 103 -9.58 -15.13 10.07
CA LEU A 103 -8.74 -16.31 9.98
C LEU A 103 -9.09 -17.38 10.99
N VAL A 104 -9.06 -18.63 10.53
CA VAL A 104 -9.27 -19.78 11.40
C VAL A 104 -8.17 -20.82 11.19
N GLU A 105 -7.97 -21.67 12.21
CA GLU A 105 -7.07 -22.81 12.10
C GLU A 105 -7.50 -23.67 10.93
N GLY A 106 -6.56 -23.90 10.05
CA GLY A 106 -6.75 -24.82 8.96
C GLY A 106 -6.28 -26.17 9.38
N PRO A 107 -6.46 -27.17 8.50
CA PRO A 107 -5.85 -28.46 8.74
C PRO A 107 -4.36 -28.36 8.39
N ASN A 108 -3.60 -29.28 8.97
CA ASN A 108 -2.15 -29.37 8.76
C ASN A 108 -1.36 -28.16 9.29
N GLY A 109 -1.83 -27.54 10.38
CA GLY A 109 -1.13 -26.37 10.96
C GLY A 109 -1.14 -25.07 10.14
N GLY A 110 -2.02 -24.96 9.17
CA GLY A 110 -2.10 -23.76 8.32
C GLY A 110 -3.25 -22.87 8.76
N SER A 111 -3.75 -22.10 7.80
CA SER A 111 -4.90 -21.22 8.03
C SER A 111 -5.93 -21.37 6.93
N ILE A 112 -7.17 -21.11 7.32
CA ILE A 112 -8.24 -20.82 6.37
C ILE A 112 -8.62 -19.38 6.59
N GLY A 113 -8.56 -18.60 5.51
CA GLY A 113 -9.07 -17.23 5.53
C GLY A 113 -10.46 -17.15 4.92
N LYS A 114 -11.34 -16.45 5.62
CA LYS A 114 -12.73 -16.32 5.20
C LYS A 114 -13.01 -14.87 4.97
N LEU A 115 -13.57 -14.59 3.78
CA LEU A 115 -13.93 -13.22 3.42
C LEU A 115 -15.44 -13.14 3.19
N THR A 116 -16.09 -12.18 3.82
CA THR A 116 -17.46 -11.77 3.43
C THR A 116 -17.37 -10.40 2.78
N LEU A 117 -17.92 -10.31 1.57
CA LEU A 117 -17.87 -9.07 0.81
C LEU A 117 -19.27 -8.47 0.73
N LYS A 118 -19.44 -7.21 1.18
CA LYS A 118 -20.72 -6.53 1.13
C LYS A 118 -20.62 -5.32 0.23
N TYR A 119 -21.31 -5.37 -0.90
CA TYR A 119 -21.22 -4.36 -1.89
C TYR A 119 -22.49 -3.52 -1.79
N HIS A 120 -22.37 -2.28 -1.32
CA HIS A 120 -23.52 -1.40 -1.14
C HIS A 120 -23.70 -0.52 -2.37
N THR A 121 -24.87 -0.56 -2.98
CA THR A 121 -25.15 0.26 -4.15
C THR A 121 -26.05 1.43 -3.86
N LYS A 122 -25.89 2.42 -4.72
CA LYS A 122 -26.73 3.64 -4.75
C LYS A 122 -27.98 3.30 -5.54
N GLY A 123 -29.14 3.42 -4.90
CA GLY A 123 -30.44 3.27 -5.58
C GLY A 123 -30.68 1.87 -6.16
N ASP A 124 -31.12 1.82 -7.40
CA ASP A 124 -31.43 0.55 -8.11
C ASP A 124 -30.24 -0.03 -8.88
N ALA A 125 -29.08 0.58 -8.74
CA ALA A 125 -27.88 0.17 -9.47
C ALA A 125 -27.42 -1.21 -8.99
N LYS A 126 -26.95 -1.98 -9.97
CA LYS A 126 -26.51 -3.35 -9.74
C LYS A 126 -24.97 -3.40 -9.71
N PRO A 127 -24.41 -4.31 -8.89
CA PRO A 127 -22.96 -4.45 -8.75
C PRO A 127 -22.23 -4.74 -10.04
N ASP A 128 -21.08 -4.10 -10.21
CA ASP A 128 -20.32 -4.13 -11.44
C ASP A 128 -19.47 -5.41 -11.48
N GLU A 129 -19.75 -6.25 -12.47
CA GLU A 129 -19.11 -7.57 -12.53
C GLU A 129 -17.63 -7.49 -12.86
N GLU A 130 -17.28 -6.60 -13.79
CA GLU A 130 -15.88 -6.40 -14.18
C GLU A 130 -15.05 -5.90 -13.00
N GLU A 131 -15.57 -4.97 -12.22
CA GLU A 131 -14.88 -4.47 -11.03
C GLU A 131 -14.76 -5.51 -9.93
N LEU A 132 -15.75 -6.39 -9.83
CA LEU A 132 -15.71 -7.50 -8.91
C LEU A 132 -14.61 -8.51 -9.25
N LYS A 133 -14.60 -8.95 -10.51
CA LYS A 133 -13.56 -9.85 -11.02
C LYS A 133 -12.14 -9.30 -10.75
N LYS A 134 -11.95 -8.05 -11.15
CA LYS A 134 -10.70 -7.34 -10.92
C LYS A 134 -10.37 -7.26 -9.43
N GLY A 135 -11.38 -7.03 -8.60
CA GLY A 135 -11.18 -6.97 -7.16
C GLY A 135 -10.68 -8.26 -6.56
N LYS A 136 -11.26 -9.40 -6.97
CA LYS A 136 -10.87 -10.73 -6.48
C LYS A 136 -9.43 -11.04 -6.76
N ALA A 137 -8.96 -10.72 -7.95
CA ALA A 137 -7.56 -10.87 -8.31
C ALA A 137 -6.64 -10.03 -7.40
N LYS A 138 -7.05 -8.79 -7.11
CA LYS A 138 -6.28 -7.90 -6.24
C LYS A 138 -6.24 -8.36 -4.79
N GLY A 139 -7.37 -8.87 -4.32
CA GLY A 139 -7.47 -9.39 -2.97
C GLY A 139 -6.66 -10.63 -2.76
N GLU A 140 -6.69 -11.54 -3.75
CA GLU A 140 -5.85 -12.74 -3.75
C GLU A 140 -4.40 -12.34 -3.65
N GLY A 141 -3.99 -11.43 -4.55
CA GLY A 141 -2.63 -10.92 -4.58
C GLY A 141 -2.19 -10.42 -3.22
N LEU A 142 -3.05 -9.64 -2.57
CA LEU A 142 -2.72 -9.09 -1.29
C LEU A 142 -2.42 -10.20 -0.27
N PHE A 143 -3.31 -11.18 -0.25
CA PHE A 143 -3.18 -12.28 0.70
C PHE A 143 -1.90 -13.07 0.48
N ARG A 144 -1.63 -13.40 -0.78
CA ARG A 144 -0.39 -14.07 -1.15
C ARG A 144 0.83 -13.28 -0.82
N ALA A 145 0.78 -11.97 -1.01
CA ALA A 145 1.91 -11.10 -0.69
C ALA A 145 2.23 -11.12 0.78
N ILE A 146 1.22 -11.04 1.64
CA ILE A 146 1.45 -11.07 3.09
C ILE A 146 1.97 -12.45 3.49
N GLU A 147 1.35 -13.50 2.96
CA GLU A 147 1.80 -14.87 3.23
C GLU A 147 3.24 -15.04 2.76
N GLY A 148 3.52 -14.57 1.54
CA GLY A 148 4.83 -14.64 0.92
C GLY A 148 5.88 -13.99 1.77
N TYR A 149 5.56 -12.87 2.35
CA TYR A 149 6.50 -12.17 3.23
C TYR A 149 6.81 -13.02 4.45
N VAL A 150 5.78 -13.59 5.07
CA VAL A 150 5.97 -14.40 6.27
C VAL A 150 6.81 -15.64 5.96
N LEU A 151 6.51 -16.28 4.83
CA LEU A 151 7.26 -17.46 4.45
C LEU A 151 8.70 -17.15 4.13
N ALA A 152 8.95 -16.00 3.52
CA ALA A 152 10.31 -15.59 3.15
C ALA A 152 11.10 -15.02 4.32
N ASN A 153 10.45 -14.68 5.43
CA ASN A 153 11.14 -14.11 6.58
C ASN A 153 10.74 -14.88 7.85
N PRO A 154 11.05 -16.20 7.92
CA PRO A 154 10.56 -17.06 9.01
C PRO A 154 10.86 -16.63 10.47
N THR A 155 11.98 -15.96 10.70
CA THR A 155 12.39 -15.44 12.02
C THR A 155 11.46 -14.38 12.59
N GLN A 156 11.02 -13.48 11.71
CA GLN A 156 9.97 -12.48 12.08
C GLN A 156 8.64 -13.21 12.26
N TYR A 157 7.85 -12.81 13.25
CA TYR A 157 6.53 -13.44 13.57
C TYR A 157 6.72 -14.88 14.11
N GLY B 2 8.45 19.48 2.59
CA GLY B 2 8.50 20.63 3.55
C GLY B 2 7.21 21.43 3.51
N VAL B 3 7.14 22.41 4.38
CA VAL B 3 5.97 23.27 4.47
C VAL B 3 6.29 24.71 4.03
N PHE B 4 5.41 25.25 3.18
CA PHE B 4 5.55 26.59 2.65
C PHE B 4 4.31 27.38 3.04
N THR B 5 4.51 28.49 3.72
CA THR B 5 3.44 29.23 4.36
C THR B 5 3.32 30.63 3.75
N PHE B 6 2.08 31.04 3.50
CA PHE B 6 1.75 32.40 3.03
C PHE B 6 0.64 32.96 3.87
N GLU B 7 0.82 34.17 4.38
CA GLU B 7 -0.18 34.81 5.24
C GLU B 7 -0.54 36.16 4.67
N ASP B 8 -1.83 36.43 4.57
CA ASP B 8 -2.29 37.75 4.12
C ASP B 8 -3.41 38.23 5.05
N GLU B 9 -3.50 39.54 5.13
CA GLU B 9 -4.62 40.20 5.82
C GLU B 9 -5.71 40.45 4.80
N ILE B 10 -6.94 40.46 5.27
CA ILE B 10 -8.09 40.80 4.45
C ILE B 10 -9.09 41.57 5.31
N THR B 11 -9.96 42.31 4.63
CA THR B 11 -11.08 43.02 5.24
C THR B 11 -12.41 42.47 4.76
N SER B 12 -13.42 42.66 5.61
CA SER B 12 -14.80 42.45 5.19
C SER B 12 -15.71 43.46 5.88
N THR B 13 -16.79 43.85 5.19
CA THR B 13 -17.82 44.67 5.87
C THR B 13 -18.77 43.82 6.73
N VAL B 14 -18.70 42.51 6.58
CA VAL B 14 -19.53 41.59 7.33
C VAL B 14 -18.86 41.38 8.70
N PRO B 15 -19.67 41.33 9.76
CA PRO B 15 -19.11 41.10 11.09
C PRO B 15 -18.68 39.64 11.23
N PRO B 16 -17.72 39.39 12.13
CA PRO B 16 -17.01 38.10 12.16
C PRO B 16 -17.85 36.90 12.63
N ALA B 17 -18.73 37.10 13.61
CA ALA B 17 -19.67 36.07 14.04
C ALA B 17 -20.50 35.55 12.85
N LYS B 18 -21.07 36.45 12.06
CA LYS B 18 -21.79 36.06 10.84
C LYS B 18 -20.92 35.32 9.87
N LEU B 19 -19.78 35.88 9.54
CA LEU B 19 -18.91 35.20 8.57
C LEU B 19 -18.50 33.80 9.05
N TYR B 20 -18.18 33.70 10.34
CA TYR B 20 -17.77 32.44 10.92
C TYR B 20 -18.90 31.44 10.81
N ASN B 21 -20.12 31.83 11.17
CA ASN B 21 -21.26 30.89 11.11
C ASN B 21 -21.46 30.38 9.69
N ALA B 22 -21.31 31.28 8.71
CA ALA B 22 -21.39 30.94 7.32
C ALA B 22 -20.30 29.93 6.91
N MET B 23 -19.08 30.11 7.39
CA MET B 23 -17.99 29.15 7.07
C MET B 23 -18.26 27.72 7.58
N LYS B 24 -18.86 27.64 8.77
CA LYS B 24 -19.24 26.36 9.37
C LYS B 24 -20.34 25.65 8.58
N ASP B 25 -21.14 26.41 7.84
CA ASP B 25 -22.22 25.87 7.06
C ASP B 25 -21.79 25.67 5.60
N ALA B 26 -20.49 25.62 5.34
CA ALA B 26 -19.95 25.47 3.99
C ALA B 26 -20.47 24.26 3.22
N ASP B 27 -20.76 23.19 3.92
CA ASP B 27 -21.36 22.01 3.29
C ASP B 27 -22.69 22.30 2.59
N SER B 28 -23.52 23.14 3.20
CA SER B 28 -24.83 23.53 2.65
C SER B 28 -24.74 24.70 1.65
N ILE B 29 -23.84 25.65 1.92
CA ILE B 29 -23.74 26.85 1.11
C ILE B 29 -23.00 26.63 -0.20
N THR B 30 -21.89 25.96 -0.15
CA THR B 30 -21.00 25.83 -1.29
C THR B 30 -21.64 25.27 -2.57
N PRO B 31 -22.46 24.21 -2.45
CA PRO B 31 -23.11 23.69 -3.64
C PRO B 31 -24.09 24.68 -4.30
N LYS B 32 -24.69 25.55 -3.52
CA LYS B 32 -25.64 26.56 -4.03
C LYS B 32 -24.94 27.62 -4.87
N ILE B 33 -23.86 28.15 -4.31
CA ILE B 33 -23.12 29.29 -4.84
C ILE B 33 -22.25 28.96 -6.05
N ILE B 34 -21.51 27.85 -5.95
CA ILE B 34 -20.65 27.40 -7.01
C ILE B 34 -21.42 26.41 -7.87
N ASP B 35 -21.53 26.73 -9.16
CA ASP B 35 -22.32 25.92 -10.05
C ASP B 35 -21.76 24.49 -10.08
N ASP B 36 -20.46 24.36 -10.30
CA ASP B 36 -19.77 23.08 -10.44
C ASP B 36 -19.82 22.17 -9.21
N VAL B 37 -19.94 22.70 -8.00
CA VAL B 37 -20.08 21.85 -6.83
C VAL B 37 -21.52 21.36 -6.68
N LYS B 38 -21.69 20.04 -6.69
CA LYS B 38 -23.03 19.42 -6.62
C LYS B 38 -23.43 18.98 -5.25
N SER B 39 -22.48 18.43 -4.52
CA SER B 39 -22.80 17.93 -3.18
C SER B 39 -21.53 17.81 -2.36
N VAL B 40 -21.74 17.84 -1.05
CA VAL B 40 -20.70 17.63 -0.09
C VAL B 40 -21.22 16.58 0.87
N GLU B 41 -20.51 15.46 0.95
CA GLU B 41 -20.88 14.38 1.89
C GLU B 41 -19.74 14.05 2.80
N ILE B 42 -20.09 13.65 4.00
CA ILE B 42 -19.15 13.20 5.00
C ILE B 42 -18.76 11.76 4.77
N VAL B 43 -17.50 11.51 4.48
CA VAL B 43 -16.96 10.14 4.41
C VAL B 43 -16.77 9.52 5.82
N GLU B 44 -16.23 10.28 6.75
CA GLU B 44 -15.99 9.75 8.10
C GLU B 44 -15.88 10.92 9.04
N GLY B 45 -16.43 10.77 10.23
CA GLY B 45 -16.43 11.82 11.23
C GLY B 45 -17.83 12.38 11.49
N ASN B 46 -17.94 13.18 12.57
CA ASN B 46 -19.17 13.79 13.02
C ASN B 46 -19.33 15.28 12.69
N GLY B 47 -18.53 15.78 11.76
CA GLY B 47 -18.51 17.21 11.37
C GLY B 47 -17.47 18.08 12.09
N GLY B 48 -16.94 17.59 13.23
CA GLY B 48 -15.87 18.32 13.91
C GLY B 48 -14.49 18.10 13.30
N PRO B 49 -13.44 18.56 13.99
CA PRO B 49 -12.04 18.32 13.57
C PRO B 49 -11.75 16.86 13.29
N GLY B 50 -11.02 16.62 12.21
CA GLY B 50 -10.79 15.24 11.76
C GLY B 50 -11.75 14.71 10.73
N THR B 51 -12.91 15.31 10.62
CA THR B 51 -13.91 14.89 9.63
C THR B 51 -13.35 14.98 8.23
N ILE B 52 -13.58 13.95 7.45
CA ILE B 52 -13.10 13.87 6.07
C ILE B 52 -14.36 13.96 5.21
N LYS B 53 -14.31 14.78 4.17
CA LYS B 53 -15.45 15.10 3.32
C LYS B 53 -15.10 14.92 1.86
N LYS B 54 -16.09 14.51 1.09
CA LYS B 54 -15.95 14.29 -0.32
C LYS B 54 -16.86 15.30 -1.01
N LEU B 55 -16.26 16.10 -1.87
CA LEU B 55 -16.97 17.10 -2.68
C LEU B 55 -17.09 16.52 -4.06
N THR B 56 -18.31 16.49 -4.56
CA THR B 56 -18.51 16.06 -5.92
C THR B 56 -18.73 17.27 -6.80
N ILE B 57 -17.94 17.35 -7.87
CA ILE B 57 -18.00 18.47 -8.79
C ILE B 57 -18.08 17.97 -10.23
N VAL B 58 -18.42 18.87 -11.15
CA VAL B 58 -18.37 18.55 -12.60
C VAL B 58 -17.63 19.65 -13.37
N GLU B 59 -16.51 19.28 -13.98
CA GLU B 59 -15.76 20.18 -14.84
C GLU B 59 -15.81 19.60 -16.25
N ASP B 60 -16.42 20.38 -17.13
CA ASP B 60 -16.73 19.93 -18.49
C ASP B 60 -17.58 18.66 -18.42
N GLY B 61 -17.19 17.63 -19.17
CA GLY B 61 -17.92 16.36 -19.19
C GLY B 61 -17.83 15.52 -17.90
N GLU B 62 -16.77 15.72 -17.11
CA GLU B 62 -16.39 14.72 -16.14
C GLU B 62 -16.89 15.07 -14.77
N THR B 63 -17.46 14.08 -14.09
CA THR B 63 -17.66 14.16 -12.64
C THR B 63 -16.31 13.86 -11.97
N LYS B 64 -15.89 14.70 -11.04
CA LYS B 64 -14.65 14.53 -10.29
C LYS B 64 -14.92 14.65 -8.82
N PHE B 65 -13.92 14.30 -8.02
CA PHE B 65 -14.09 14.32 -6.56
C PHE B 65 -12.96 15.07 -5.91
N ILE B 66 -13.25 15.68 -4.75
CA ILE B 66 -12.24 16.39 -3.97
C ILE B 66 -12.42 16.04 -2.49
N LEU B 67 -11.31 15.90 -1.78
CA LEU B 67 -11.33 15.43 -0.39
C LEU B 67 -10.84 16.53 0.50
N HIS B 68 -11.63 16.86 1.51
CA HIS B 68 -11.31 17.86 2.48
C HIS B 68 -11.18 17.18 3.82
N LYS B 69 -10.32 17.71 4.68
CA LYS B 69 -10.28 17.28 6.07
C LYS B 69 -10.43 18.53 6.90
N VAL B 70 -11.30 18.50 7.87
CA VAL B 70 -11.48 19.62 8.76
C VAL B 70 -10.31 19.59 9.77
N GLU B 71 -9.59 20.70 9.90
CA GLU B 71 -8.42 20.76 10.75
C GLU B 71 -8.71 21.23 12.16
N SER B 72 -9.31 22.39 12.25
CA SER B 72 -9.71 22.92 13.54
C SER B 72 -10.87 23.92 13.38
N ILE B 73 -11.54 24.06 14.50
CA ILE B 73 -12.72 24.88 14.60
C ILE B 73 -12.56 25.50 15.98
N ASP B 74 -12.49 26.81 15.98
CA ASP B 74 -12.26 27.56 17.22
C ASP B 74 -13.20 28.76 17.20
N GLU B 75 -14.37 28.59 17.83
CA GLU B 75 -15.41 29.62 17.84
C GLU B 75 -14.99 30.91 18.55
N ALA B 76 -14.18 30.79 19.59
CA ALA B 76 -13.67 31.95 20.33
C ALA B 76 -12.86 32.89 19.45
N ASN B 77 -12.12 32.33 18.51
CA ASN B 77 -11.25 33.10 17.64
C ASN B 77 -11.79 33.24 16.20
N TYR B 78 -13.08 32.93 15.99
CA TYR B 78 -13.70 32.99 14.64
C TYR B 78 -12.78 32.37 13.58
N ALA B 79 -12.43 31.11 13.84
CA ALA B 79 -11.43 30.40 13.03
C ALA B 79 -11.95 29.07 12.54
N TYR B 80 -11.75 28.83 11.24
CA TYR B 80 -12.11 27.57 10.61
C TYR B 80 -10.97 27.22 9.64
N ASN B 81 -10.41 26.03 9.82
CA ASN B 81 -9.25 25.61 9.05
C ASN B 81 -9.56 24.27 8.46
N TYR B 82 -9.24 24.09 7.19
CA TYR B 82 -9.47 22.80 6.54
C TYR B 82 -8.38 22.56 5.51
N SER B 83 -8.21 21.31 5.10
CA SER B 83 -7.16 20.94 4.17
C SER B 83 -7.75 20.17 3.03
N VAL B 84 -7.17 20.38 1.86
CA VAL B 84 -7.36 19.50 0.74
C VAL B 84 -6.41 18.34 0.90
N VAL B 85 -6.92 17.13 0.99
CA VAL B 85 -6.10 15.90 1.18
C VAL B 85 -6.25 14.87 0.07
N GLY B 86 -6.97 15.21 -0.98
CA GLY B 86 -7.06 14.33 -2.13
C GLY B 86 -8.00 14.84 -3.18
N GLY B 87 -7.93 14.19 -4.33
CA GLY B 87 -8.76 14.52 -5.49
C GLY B 87 -8.04 15.48 -6.40
N VAL B 88 -8.79 16.01 -7.36
CA VAL B 88 -8.23 16.85 -8.44
C VAL B 88 -7.52 18.10 -7.93
N ALA B 89 -8.09 18.67 -6.87
CA ALA B 89 -7.56 19.87 -6.22
C ALA B 89 -6.21 19.69 -5.52
N LEU B 90 -5.82 18.45 -5.20
CA LEU B 90 -4.50 18.16 -4.64
C LEU B 90 -3.58 17.84 -5.79
N PRO B 91 -2.55 18.67 -6.03
CA PRO B 91 -1.57 18.33 -7.03
C PRO B 91 -0.68 17.15 -6.63
N PRO B 92 -0.12 16.44 -7.63
CA PRO B 92 0.62 15.20 -7.39
C PRO B 92 1.90 15.36 -6.56
N THR B 93 2.50 16.55 -6.61
CA THR B 93 3.70 16.91 -5.85
C THR B 93 3.41 17.14 -4.37
N ALA B 94 2.16 17.51 -4.07
CA ALA B 94 1.78 17.97 -2.75
C ALA B 94 1.20 16.87 -1.89
N GLU B 95 1.59 16.88 -0.62
CA GLU B 95 1.06 15.96 0.37
C GLU B 95 -0.32 16.44 0.85
N LYS B 96 -0.46 17.76 0.97
CA LYS B 96 -1.66 18.39 1.38
C LYS B 96 -1.53 19.90 1.37
N ILE B 97 -2.68 20.57 1.32
CA ILE B 97 -2.75 22.03 1.31
C ILE B 97 -3.75 22.48 2.34
N THR B 98 -3.32 23.31 3.27
CA THR B 98 -4.17 23.75 4.35
C THR B 98 -4.61 25.21 4.16
N PHE B 99 -5.90 25.45 4.36
CA PHE B 99 -6.47 26.78 4.29
C PHE B 99 -6.94 27.19 5.66
N GLU B 100 -6.27 28.18 6.22
CA GLU B 100 -6.63 28.69 7.52
C GLU B 100 -7.35 30.02 7.37
N THR B 101 -8.48 30.16 8.06
CA THR B 101 -9.07 31.52 8.21
C THR B 101 -9.20 31.88 9.67
N LYS B 102 -8.75 33.06 10.07
CA LYS B 102 -9.02 33.55 11.43
C LYS B 102 -9.47 35.00 11.36
N LEU B 103 -10.52 35.35 12.07
CA LEU B 103 -11.09 36.72 11.98
C LEU B 103 -11.10 37.38 13.33
N VAL B 104 -11.01 38.70 13.32
CA VAL B 104 -11.30 39.55 14.48
C VAL B 104 -12.28 40.67 14.12
N GLU B 105 -12.98 41.18 15.11
CA GLU B 105 -13.86 42.33 14.94
C GLU B 105 -13.07 43.49 14.43
N GLY B 106 -13.52 44.07 13.32
CA GLY B 106 -13.01 45.35 12.87
C GLY B 106 -13.45 46.54 13.70
N PRO B 107 -12.84 47.69 13.49
CA PRO B 107 -13.20 48.89 14.25
C PRO B 107 -14.58 49.40 14.00
N ASN B 108 -15.11 49.21 12.78
CA ASN B 108 -16.35 49.85 12.31
C ASN B 108 -17.42 48.83 11.82
N GLY B 109 -17.65 47.81 12.63
CA GLY B 109 -18.72 46.80 12.35
C GLY B 109 -18.41 45.71 11.34
N GLY B 110 -17.22 45.70 10.75
CA GLY B 110 -16.81 44.65 9.82
C GLY B 110 -15.91 43.63 10.49
N SER B 111 -15.08 43.01 9.68
CA SER B 111 -14.11 42.02 10.16
C SER B 111 -12.73 42.30 9.57
N ILE B 112 -11.73 41.99 10.37
CA ILE B 112 -10.35 41.97 9.88
C ILE B 112 -9.88 40.53 9.95
N GLY B 113 -9.45 39.99 8.84
CA GLY B 113 -9.15 38.58 8.73
C GLY B 113 -7.67 38.34 8.51
N LYS B 114 -7.25 37.13 8.86
CA LYS B 114 -6.00 36.58 8.39
C LYS B 114 -6.33 35.33 7.61
N LEU B 115 -5.79 35.24 6.39
CA LEU B 115 -5.85 34.02 5.60
C LEU B 115 -4.47 33.40 5.42
N THR B 116 -4.32 32.16 5.84
CA THR B 116 -3.02 31.46 5.83
C THR B 116 -3.14 30.27 4.88
N LEU B 117 -2.17 30.15 3.98
CA LEU B 117 -2.04 28.97 3.12
C LEU B 117 -0.80 28.19 3.52
N LYS B 118 -0.95 26.91 3.86
CA LYS B 118 0.21 26.05 4.15
C LYS B 118 0.26 24.91 3.17
N TYR B 119 1.29 24.93 2.34
CA TYR B 119 1.44 23.95 1.29
C TYR B 119 2.49 22.95 1.73
N HIS B 120 2.07 21.71 1.98
CA HIS B 120 3.00 20.64 2.38
C HIS B 120 3.42 19.86 1.16
N THR B 121 4.71 19.76 0.95
CA THR B 121 5.25 18.94 -0.15
C THR B 121 5.81 17.62 0.34
N LYS B 122 5.97 16.70 -0.61
CA LYS B 122 6.70 15.46 -0.43
C LYS B 122 8.22 15.74 -0.39
N GLY B 123 8.81 15.44 0.78
CA GLY B 123 10.22 15.64 1.04
C GLY B 123 10.78 17.03 0.84
N ASP B 124 11.89 17.10 0.10
CA ASP B 124 12.65 18.35 -0.13
C ASP B 124 12.22 19.08 -1.38
N ALA B 125 11.15 18.61 -2.04
CA ALA B 125 10.64 19.26 -3.25
C ALA B 125 10.08 20.64 -2.93
N LYS B 126 10.24 21.56 -3.87
CA LYS B 126 9.61 22.89 -3.78
C LYS B 126 8.33 22.93 -4.63
N PRO B 127 7.28 23.63 -4.14
CA PRO B 127 5.98 23.65 -4.81
C PRO B 127 6.03 24.26 -6.20
N ASP B 128 5.30 23.66 -7.13
CA ASP B 128 5.08 24.21 -8.46
C ASP B 128 4.42 25.59 -8.39
N GLU B 129 4.97 26.58 -9.08
CA GLU B 129 4.50 27.96 -9.00
C GLU B 129 3.05 28.14 -9.46
N GLU B 130 2.69 27.51 -10.58
CA GLU B 130 1.31 27.61 -11.11
C GLU B 130 0.30 27.03 -10.10
N GLU B 131 0.61 25.89 -9.50
CA GLU B 131 -0.28 25.28 -8.49
C GLU B 131 -0.35 26.10 -7.21
N LEU B 132 0.75 26.77 -6.87
CA LEU B 132 0.78 27.66 -5.73
C LEU B 132 -0.11 28.89 -5.92
N LYS B 133 0.06 29.56 -7.06
CA LYS B 133 -0.78 30.71 -7.45
C LYS B 133 -2.27 30.34 -7.38
N LYS B 134 -2.61 29.25 -8.05
CA LYS B 134 -3.97 28.71 -8.04
C LYS B 134 -4.44 28.41 -6.64
N GLY B 135 -3.58 27.88 -5.78
CA GLY B 135 -3.94 27.60 -4.39
C GLY B 135 -4.33 28.86 -3.61
N LYS B 136 -3.51 29.89 -3.72
CA LYS B 136 -3.76 31.16 -2.98
C LYS B 136 -5.06 31.85 -3.42
N ALA B 137 -5.25 31.83 -4.73
CA ALA B 137 -6.45 32.33 -5.37
C ALA B 137 -7.67 31.54 -4.93
N LYS B 138 -7.57 30.22 -4.73
CA LYS B 138 -8.70 29.40 -4.25
C LYS B 138 -9.14 29.73 -2.85
N GLY B 139 -8.18 30.03 -1.97
CA GLY B 139 -8.51 30.44 -0.60
C GLY B 139 -9.28 31.75 -0.54
N GLU B 140 -8.76 32.72 -1.29
CA GLU B 140 -9.38 34.03 -1.43
C GLU B 140 -10.81 33.87 -1.98
N GLY B 141 -10.90 33.13 -3.08
CA GLY B 141 -12.14 32.87 -3.78
C GLY B 141 -13.20 32.36 -2.87
N LEU B 142 -12.82 31.37 -2.07
CA LEU B 142 -13.80 30.77 -1.17
C LEU B 142 -14.29 31.79 -0.18
N PHE B 143 -13.39 32.57 0.39
CA PHE B 143 -13.75 33.59 1.37
C PHE B 143 -14.72 34.63 0.75
N ARG B 144 -14.40 35.12 -0.45
CA ARG B 144 -15.29 36.04 -1.14
C ARG B 144 -16.65 35.46 -1.44
N ALA B 145 -16.67 34.19 -1.83
CA ALA B 145 -17.93 33.52 -2.08
C ALA B 145 -18.82 33.44 -0.84
N ILE B 146 -18.23 33.07 0.29
CA ILE B 146 -19.00 32.99 1.55
C ILE B 146 -19.43 34.38 1.98
N GLU B 147 -18.55 35.37 1.88
CA GLU B 147 -18.88 36.77 2.21
C GLU B 147 -20.01 37.22 1.29
N GLY B 148 -19.88 36.96 0.01
CA GLY B 148 -20.89 37.32 -1.00
C GLY B 148 -22.28 36.78 -0.63
N TYR B 149 -22.29 35.54 -0.20
CA TYR B 149 -23.54 34.92 0.22
C TYR B 149 -24.14 35.65 1.41
N VAL B 150 -23.31 35.96 2.39
CA VAL B 150 -23.80 36.63 3.62
C VAL B 150 -24.30 38.02 3.30
N LEU B 151 -23.60 38.75 2.45
CA LEU B 151 -24.07 40.07 2.02
C LEU B 151 -25.40 40.02 1.29
N ALA B 152 -25.58 39.00 0.45
CA ALA B 152 -26.81 38.87 -0.32
C ALA B 152 -27.97 38.27 0.50
N ASN B 153 -27.69 37.69 1.66
CA ASN B 153 -28.72 37.05 2.48
C ASN B 153 -28.61 37.57 3.92
N PRO B 154 -28.80 38.88 4.16
CA PRO B 154 -28.52 39.50 5.48
C PRO B 154 -29.21 38.88 6.72
N THR B 155 -30.45 38.39 6.54
CA THR B 155 -31.23 37.75 7.61
C THR B 155 -30.62 36.44 8.14
N GLN B 156 -30.11 35.64 7.21
CA GLN B 156 -29.77 34.24 7.45
C GLN B 156 -28.72 33.96 8.54
N TYR B 157 -27.84 34.92 8.81
CA TYR B 157 -26.79 34.74 9.83
C TYR B 157 -26.85 35.78 10.96
N GLY C 2 35.61 -34.93 0.44
CA GLY C 2 34.68 -35.80 -0.32
C GLY C 2 33.39 -35.08 -0.62
N VAL C 3 32.38 -35.82 -1.07
CA VAL C 3 31.12 -35.24 -1.45
C VAL C 3 29.98 -35.86 -0.63
N PHE C 4 29.10 -34.99 -0.14
CA PHE C 4 27.92 -35.39 0.63
C PHE C 4 26.66 -34.89 -0.05
N THR C 5 25.76 -35.81 -0.35
CA THR C 5 24.62 -35.56 -1.23
C THR C 5 23.31 -35.68 -0.46
N PHE C 6 22.42 -34.71 -0.70
CA PHE C 6 21.10 -34.62 -0.05
C PHE C 6 20.04 -34.31 -1.13
N GLU C 7 18.81 -34.74 -0.88
CA GLU C 7 17.72 -34.58 -1.83
C GLU C 7 16.52 -33.92 -1.18
N ASP C 8 15.82 -33.07 -1.92
CA ASP C 8 14.55 -32.59 -1.42
C ASP C 8 13.61 -32.18 -2.49
N GLU C 9 12.36 -31.96 -2.11
CA GLU C 9 11.29 -31.50 -3.00
C GLU C 9 10.50 -30.40 -2.34
N ILE C 10 9.95 -29.53 -3.17
CA ILE C 10 9.02 -28.50 -2.71
C ILE C 10 7.95 -28.28 -3.78
N THR C 11 6.77 -27.86 -3.34
CA THR C 11 5.59 -27.67 -4.23
C THR C 11 5.18 -26.23 -4.35
N SER C 12 4.57 -25.91 -5.48
CA SER C 12 4.02 -24.58 -5.71
C SER C 12 2.75 -24.64 -6.53
N THR C 13 1.87 -23.69 -6.30
CA THR C 13 0.68 -23.53 -7.16
C THR C 13 0.99 -22.82 -8.48
N VAL C 14 2.17 -22.23 -8.58
CA VAL C 14 2.61 -21.52 -9.76
C VAL C 14 3.14 -22.55 -10.75
N PRO C 15 2.80 -22.41 -12.04
CA PRO C 15 3.30 -23.34 -13.04
C PRO C 15 4.79 -23.11 -13.29
N PRO C 16 5.49 -24.14 -13.76
CA PRO C 16 6.96 -24.15 -13.83
C PRO C 16 7.58 -23.16 -14.81
N ALA C 17 6.98 -22.98 -15.98
CA ALA C 17 7.42 -21.93 -16.93
C ALA C 17 7.49 -20.55 -16.28
N LYS C 18 6.39 -20.17 -15.62
CA LYS C 18 6.36 -18.90 -14.89
C LYS C 18 7.43 -18.85 -13.81
N LEU C 19 7.46 -19.86 -12.96
CA LEU C 19 8.38 -19.85 -11.86
C LEU C 19 9.83 -19.79 -12.34
N TYR C 20 10.14 -20.52 -13.41
CA TYR C 20 11.47 -20.52 -13.95
C TYR C 20 11.88 -19.12 -14.40
N ASN C 21 10.99 -18.48 -15.15
CA ASN C 21 11.28 -17.11 -15.65
C ASN C 21 11.46 -16.12 -14.51
N ALA C 22 10.65 -16.28 -13.47
CA ALA C 22 10.77 -15.50 -12.24
C ALA C 22 12.10 -15.72 -11.53
N MET C 23 12.64 -16.95 -11.53
CA MET C 23 13.97 -17.21 -10.95
C MET C 23 15.09 -16.42 -11.63
N LYS C 24 15.01 -16.18 -12.93
CA LYS C 24 15.95 -15.27 -13.62
C LYS C 24 15.94 -13.82 -13.12
N ASP C 25 14.83 -13.38 -12.55
CA ASP C 25 14.73 -12.01 -12.03
C ASP C 25 14.97 -11.96 -10.52
N ALA C 26 15.49 -13.06 -9.95
CA ALA C 26 15.68 -13.16 -8.49
C ALA C 26 16.56 -12.06 -7.88
N ASP C 27 17.50 -11.58 -8.67
CA ASP C 27 18.37 -10.50 -8.27
C ASP C 27 17.59 -9.22 -7.88
N SER C 28 16.54 -8.91 -8.65
CA SER C 28 15.70 -7.74 -8.40
C SER C 28 14.58 -7.97 -7.38
N ILE C 29 14.03 -9.18 -7.35
CA ILE C 29 12.93 -9.51 -6.45
C ILE C 29 13.36 -9.68 -4.97
N THR C 30 14.42 -10.46 -4.81
CA THR C 30 14.80 -10.93 -3.51
C THR C 30 15.06 -9.84 -2.46
N PRO C 31 15.76 -8.76 -2.82
CA PRO C 31 16.04 -7.74 -1.83
C PRO C 31 14.79 -7.04 -1.29
N LYS C 32 13.76 -6.94 -2.13
CA LYS C 32 12.52 -6.26 -1.75
C LYS C 32 11.77 -7.03 -0.68
N ILE C 33 11.63 -8.33 -0.93
CA ILE C 33 10.82 -9.23 -0.09
C ILE C 33 11.48 -9.69 1.18
N ILE C 34 12.76 -10.05 1.09
CA ILE C 34 13.52 -10.53 2.24
C ILE C 34 14.23 -9.36 2.90
N ASP C 35 13.93 -9.16 4.17
CA ASP C 35 14.48 -8.00 4.88
C ASP C 35 15.98 -8.05 4.89
N ASP C 36 16.56 -9.17 5.28
CA ASP C 36 18.04 -9.30 5.41
C ASP C 36 18.83 -9.16 4.09
N VAL C 37 18.24 -9.46 2.96
CA VAL C 37 18.94 -9.28 1.69
C VAL C 37 18.84 -7.81 1.25
N LYS C 38 20.00 -7.16 1.10
CA LYS C 38 20.07 -5.74 0.72
C LYS C 38 20.31 -5.51 -0.75
N SER C 39 21.13 -6.33 -1.36
CA SER C 39 21.39 -6.20 -2.78
C SER C 39 21.96 -7.48 -3.33
N VAL C 40 21.79 -7.65 -4.64
CA VAL C 40 22.46 -8.67 -5.39
C VAL C 40 23.10 -7.99 -6.58
N GLU C 41 24.43 -8.11 -6.69
CA GLU C 41 25.16 -7.61 -7.82
C GLU C 41 25.83 -8.75 -8.58
N ILE C 42 25.90 -8.54 -9.90
CA ILE C 42 26.69 -9.38 -10.75
C ILE C 42 28.13 -8.89 -10.70
N VAL C 43 29.04 -9.73 -10.20
CA VAL C 43 30.45 -9.42 -10.21
C VAL C 43 31.07 -9.63 -11.59
N GLU C 44 30.73 -10.73 -12.26
CA GLU C 44 31.28 -10.99 -13.58
C GLU C 44 30.33 -11.89 -14.32
N GLY C 45 30.15 -11.66 -15.61
CA GLY C 45 29.37 -12.57 -16.47
C GLY C 45 28.08 -11.97 -16.98
N ASN C 46 27.46 -12.69 -17.92
CA ASN C 46 26.23 -12.27 -18.62
C ASN C 46 24.93 -12.93 -18.12
N GLY C 47 24.98 -13.57 -16.95
CA GLY C 47 23.85 -14.36 -16.41
C GLY C 47 23.88 -15.86 -16.74
N GLY C 48 24.61 -16.24 -17.78
CA GLY C 48 24.82 -17.63 -18.14
C GLY C 48 25.87 -18.34 -17.27
N PRO C 49 26.24 -19.58 -17.65
CA PRO C 49 27.22 -20.37 -16.90
C PRO C 49 28.51 -19.61 -16.64
N GLY C 50 29.04 -19.75 -15.43
CA GLY C 50 30.22 -19.00 -15.03
C GLY C 50 29.94 -17.69 -14.32
N THR C 51 28.72 -17.16 -14.44
CA THR C 51 28.40 -15.89 -13.84
C THR C 51 28.56 -15.93 -12.34
N ILE C 52 29.21 -14.93 -11.75
CA ILE C 52 29.44 -14.89 -10.32
C ILE C 52 28.62 -13.75 -9.78
N LYS C 53 27.89 -14.02 -8.69
CA LYS C 53 27.01 -13.04 -8.05
C LYS C 53 27.32 -12.89 -6.59
N LYS C 54 27.17 -11.66 -6.11
CA LYS C 54 27.51 -11.31 -4.76
C LYS C 54 26.25 -10.80 -4.10
N LEU C 55 25.85 -11.46 -3.02
CA LEU C 55 24.66 -11.11 -2.25
C LEU C 55 25.13 -10.44 -1.00
N THR C 56 24.60 -9.26 -0.72
CA THR C 56 24.89 -8.60 0.51
C THR C 56 23.71 -8.75 1.45
N ILE C 57 23.98 -9.17 2.68
CA ILE C 57 22.94 -9.31 3.70
C ILE C 57 23.36 -8.67 5.01
N VAL C 58 22.43 -8.58 5.96
CA VAL C 58 22.74 -8.20 7.34
C VAL C 58 22.09 -9.16 8.36
N GLU C 59 22.89 -9.66 9.29
CA GLU C 59 22.41 -10.44 10.41
C GLU C 59 22.86 -9.78 11.69
N ASP C 60 21.93 -9.46 12.58
CA ASP C 60 22.24 -8.84 13.88
C ASP C 60 23.14 -7.59 13.72
N GLY C 61 22.85 -6.79 12.70
CA GLY C 61 23.59 -5.56 12.43
C GLY C 61 24.94 -5.63 11.77
N GLU C 62 25.44 -6.83 11.48
CA GLU C 62 26.71 -6.99 10.80
C GLU C 62 26.44 -7.32 9.35
N THR C 63 27.09 -6.58 8.45
CA THR C 63 26.94 -6.80 7.02
C THR C 63 27.84 -7.99 6.63
N LYS C 64 27.28 -8.93 5.87
CA LYS C 64 28.00 -10.13 5.42
C LYS C 64 27.74 -10.33 3.95
N PHE C 65 28.45 -11.24 3.32
N PHE C 65 28.46 -11.26 3.34
CA PHE C 65 28.36 -11.43 1.87
CA PHE C 65 28.30 -11.52 1.92
C PHE C 65 28.18 -12.92 1.54
C PHE C 65 28.11 -12.98 1.59
N ILE C 66 27.61 -13.21 0.38
CA ILE C 66 27.47 -14.57 -0.13
C ILE C 66 27.77 -14.56 -1.64
N LEU C 67 28.56 -15.55 -2.09
CA LEU C 67 28.96 -15.64 -3.47
C LEU C 67 28.36 -16.85 -4.11
N HIS C 68 27.70 -16.65 -5.23
CA HIS C 68 27.08 -17.73 -6.01
C HIS C 68 27.75 -17.77 -7.34
N LYS C 69 27.90 -18.97 -7.91
CA LYS C 69 28.41 -19.10 -9.27
C LYS C 69 27.42 -19.96 -10.02
N VAL C 70 27.03 -19.53 -11.21
CA VAL C 70 26.11 -20.29 -12.01
C VAL C 70 26.87 -21.42 -12.68
N GLU C 71 26.39 -22.65 -12.53
CA GLU C 71 27.02 -23.85 -13.11
C GLU C 71 26.47 -24.17 -14.51
N SER C 72 25.15 -24.29 -14.63
CA SER C 72 24.51 -24.55 -15.90
C SER C 72 23.05 -24.14 -15.93
N ILE C 73 22.54 -24.00 -17.14
CA ILE C 73 21.19 -23.58 -17.40
C ILE C 73 20.68 -24.41 -18.56
N ASP C 74 19.50 -24.99 -18.39
CA ASP C 74 18.78 -25.66 -19.46
C ASP C 74 17.31 -25.20 -19.40
N GLU C 75 17.00 -24.17 -20.19
CA GLU C 75 15.67 -23.54 -20.16
C GLU C 75 14.55 -24.50 -20.61
N ALA C 76 14.85 -25.39 -21.54
CA ALA C 76 13.87 -26.38 -22.02
C ALA C 76 13.35 -27.27 -20.90
N ASN C 77 14.23 -27.61 -19.96
CA ASN C 77 13.90 -28.51 -18.87
C ASN C 77 13.77 -27.81 -17.50
N TYR C 78 13.58 -26.49 -17.53
CA TYR C 78 13.39 -25.67 -16.30
C TYR C 78 14.41 -26.06 -15.23
N ALA C 79 15.68 -25.99 -15.61
CA ALA C 79 16.80 -26.49 -14.79
C ALA C 79 17.88 -25.43 -14.64
N TYR C 80 18.33 -25.27 -13.41
CA TYR C 80 19.27 -24.21 -13.02
C TYR C 80 20.15 -24.83 -11.96
N ASN C 81 21.45 -24.77 -12.18
CA ASN C 81 22.42 -25.33 -11.23
C ASN C 81 23.36 -24.22 -10.85
N TYR C 82 23.56 -24.03 -9.56
CA TYR C 82 24.45 -22.99 -9.08
C TYR C 82 25.15 -23.46 -7.82
N SER C 83 26.26 -22.82 -7.50
CA SER C 83 27.02 -23.19 -6.33
C SER C 83 27.26 -21.99 -5.46
N VAL C 84 27.27 -22.23 -4.15
CA VAL C 84 27.81 -21.29 -3.19
C VAL C 84 29.31 -21.49 -3.18
N VAL C 85 30.05 -20.45 -3.52
CA VAL C 85 31.53 -20.50 -3.60
C VAL C 85 32.25 -19.55 -2.66
N GLY C 86 31.50 -18.87 -1.80
CA GLY C 86 32.13 -18.02 -0.82
C GLY C 86 31.13 -17.29 0.02
N GLY C 87 31.67 -16.74 1.12
CA GLY C 87 30.90 -15.96 2.06
C GLY C 87 30.41 -16.80 3.20
N VAL C 88 29.55 -16.20 4.03
CA VAL C 88 29.07 -16.79 5.29
C VAL C 88 28.37 -18.12 5.09
N ALA C 89 27.64 -18.25 3.99
CA ALA C 89 26.93 -19.48 3.64
C ALA C 89 27.83 -20.68 3.28
N LEU C 90 29.08 -20.43 2.91
CA LEU C 90 30.07 -21.49 2.71
C LEU C 90 30.83 -21.59 4.01
N PRO C 91 30.75 -22.73 4.71
CA PRO C 91 31.59 -22.85 5.93
C PRO C 91 33.06 -23.04 5.56
N PRO C 92 33.98 -22.67 6.47
CA PRO C 92 35.41 -22.62 6.14
C PRO C 92 36.03 -24.00 5.83
N THR C 93 35.43 -25.06 6.39
CA THR C 93 35.84 -26.45 6.14
C THR C 93 35.44 -26.96 4.75
N ALA C 94 34.45 -26.33 4.13
CA ALA C 94 33.87 -26.80 2.88
C ALA C 94 34.40 -26.06 1.67
N GLU C 95 34.61 -26.78 0.58
CA GLU C 95 35.19 -26.20 -0.63
C GLU C 95 34.12 -25.49 -1.46
N LYS C 96 32.93 -26.07 -1.48
CA LYS C 96 31.87 -25.66 -2.43
C LYS C 96 30.58 -26.38 -2.08
N ILE C 97 29.44 -25.74 -2.32
CA ILE C 97 28.14 -26.38 -2.13
C ILE C 97 27.31 -26.16 -3.38
N THR C 98 26.90 -27.23 -4.02
CA THR C 98 26.22 -27.14 -5.31
C THR C 98 24.74 -27.45 -5.16
N PHE C 99 23.90 -26.64 -5.79
CA PHE C 99 22.45 -26.85 -5.84
C PHE C 99 22.09 -27.17 -7.26
N GLU C 100 21.64 -28.38 -7.52
CA GLU C 100 21.08 -28.74 -8.82
C GLU C 100 19.55 -28.73 -8.74
N THR C 101 18.90 -27.97 -9.60
CA THR C 101 17.51 -27.59 -9.47
C THR C 101 16.75 -27.98 -10.72
N LYS C 102 15.58 -28.58 -10.53
CA LYS C 102 14.68 -28.89 -11.63
C LYS C 102 13.28 -28.49 -11.19
N LEU C 103 12.53 -27.91 -12.12
CA LEU C 103 11.08 -27.78 -11.95
C LEU C 103 10.36 -28.67 -12.95
N VAL C 104 9.32 -29.33 -12.44
CA VAL C 104 8.47 -30.19 -13.27
C VAL C 104 7.00 -29.84 -13.03
N GLU C 105 6.18 -30.06 -14.07
CA GLU C 105 4.75 -29.86 -13.95
C GLU C 105 4.21 -30.70 -12.83
N GLY C 106 3.55 -30.04 -11.90
CA GLY C 106 2.90 -30.73 -10.79
C GLY C 106 1.52 -31.18 -11.28
N PRO C 107 0.76 -31.86 -10.41
CA PRO C 107 -0.66 -32.01 -10.67
C PRO C 107 -1.35 -30.68 -10.36
N ASN C 108 -2.52 -30.52 -10.97
CA ASN C 108 -3.35 -29.32 -10.82
C ASN C 108 -2.72 -28.03 -11.34
N GLY C 109 -1.89 -28.09 -12.38
CA GLY C 109 -1.28 -26.88 -12.98
C GLY C 109 -0.30 -26.08 -12.12
N GLY C 110 0.25 -26.71 -11.08
CA GLY C 110 1.30 -26.10 -10.26
C GLY C 110 2.67 -26.63 -10.69
N SER C 111 3.63 -26.58 -9.77
CA SER C 111 4.94 -27.16 -10.02
C SER C 111 5.45 -27.96 -8.87
N ILE C 112 6.27 -28.95 -9.19
CA ILE C 112 7.10 -29.63 -8.19
C ILE C 112 8.53 -29.26 -8.50
N GLY C 113 9.19 -28.70 -7.49
CA GLY C 113 10.63 -28.40 -7.58
C GLY C 113 11.47 -29.46 -6.92
N LYS C 114 12.54 -29.87 -7.57
CA LYS C 114 13.38 -30.97 -7.12
C LYS C 114 14.78 -30.43 -6.96
N LEU C 115 15.38 -30.71 -5.81
CA LEU C 115 16.72 -30.20 -5.50
C LEU C 115 17.64 -31.36 -5.18
N THR C 116 18.83 -31.39 -5.80
CA THR C 116 19.96 -32.21 -5.30
C THR C 116 21.05 -31.29 -4.79
N LEU C 117 21.47 -31.51 -3.56
CA LEU C 117 22.47 -30.69 -2.90
C LEU C 117 23.75 -31.48 -2.69
N LYS C 118 24.87 -31.00 -3.21
CA LYS C 118 26.18 -31.68 -3.11
C LYS C 118 27.15 -30.79 -2.38
N TYR C 119 27.53 -31.23 -1.19
CA TYR C 119 28.41 -30.47 -0.32
C TYR C 119 29.81 -31.08 -0.46
N HIS C 120 30.73 -30.31 -1.06
CA HIS C 120 32.09 -30.79 -1.30
C HIS C 120 33.01 -30.32 -0.18
N THR C 121 33.69 -31.29 0.45
CA THR C 121 34.61 -30.95 1.50
C THR C 121 36.06 -31.08 1.07
N LYS C 122 36.91 -30.35 1.80
CA LYS C 122 38.35 -30.52 1.77
C LYS C 122 38.72 -31.73 2.65
N GLY C 123 39.34 -32.74 2.06
CA GLY C 123 39.98 -33.84 2.82
C GLY C 123 39.01 -34.68 3.64
N ASP C 124 39.30 -34.87 4.93
CA ASP C 124 38.50 -35.68 5.84
C ASP C 124 37.34 -34.94 6.52
N ALA C 125 37.17 -33.66 6.19
CA ALA C 125 36.18 -32.81 6.83
C ALA C 125 34.76 -33.25 6.49
N LYS C 126 33.89 -33.13 7.48
CA LYS C 126 32.48 -33.52 7.36
C LYS C 126 31.62 -32.26 7.33
N PRO C 127 30.43 -32.33 6.69
CA PRO C 127 29.46 -31.22 6.73
C PRO C 127 29.00 -30.89 8.13
N ASP C 128 28.87 -29.60 8.40
CA ASP C 128 28.36 -29.11 9.69
C ASP C 128 26.83 -29.19 9.67
N GLU C 129 26.24 -29.97 10.58
CA GLU C 129 24.81 -30.19 10.62
C GLU C 129 24.01 -28.90 10.92
N GLU C 130 24.48 -28.12 11.89
CA GLU C 130 23.77 -26.89 12.27
C GLU C 130 23.76 -25.89 11.11
N GLU C 131 24.89 -25.76 10.41
CA GLU C 131 24.95 -24.87 9.23
C GLU C 131 24.12 -25.35 8.07
N LEU C 132 24.00 -26.65 7.94
CA LEU C 132 23.16 -27.26 6.92
C LEU C 132 21.68 -26.98 7.16
N LYS C 133 21.22 -27.26 8.39
CA LYS C 133 19.85 -26.97 8.80
C LYS C 133 19.48 -25.49 8.53
N LYS C 134 20.34 -24.60 9.01
CA LYS C 134 20.20 -23.17 8.77
C LYS C 134 20.15 -22.84 7.27
N GLY C 135 20.98 -23.51 6.49
CA GLY C 135 20.96 -23.30 5.05
C GLY C 135 19.63 -23.68 4.38
N LYS C 136 19.07 -24.83 4.76
CA LYS C 136 17.78 -25.32 4.23
C LYS C 136 16.64 -24.37 4.48
N ALA C 137 16.59 -23.82 5.68
CA ALA C 137 15.60 -22.80 6.00
C ALA C 137 15.75 -21.54 5.11
N LYS C 138 16.99 -21.13 4.84
CA LYS C 138 17.25 -19.99 3.95
C LYS C 138 16.88 -20.24 2.50
N GLY C 139 17.13 -21.46 2.04
CA GLY C 139 16.78 -21.86 0.69
C GLY C 139 15.29 -21.94 0.49
N GLU C 140 14.57 -22.47 1.47
CA GLU C 140 13.11 -22.50 1.49
C GLU C 140 12.57 -21.08 1.39
N GLY C 141 13.08 -20.21 2.26
CA GLY C 141 12.72 -18.79 2.27
C GLY C 141 12.86 -18.16 0.89
N LEU C 142 13.97 -18.43 0.24
CA LEU C 142 14.21 -17.88 -1.06
C LEU C 142 13.12 -18.32 -2.06
N PHE C 143 12.82 -19.60 -2.04
CA PHE C 143 11.83 -20.15 -2.93
C PHE C 143 10.44 -19.52 -2.71
N ARG C 144 10.06 -19.44 -1.44
CA ARG C 144 8.80 -18.79 -1.07
C ARG C 144 8.74 -17.34 -1.44
N ALA C 145 9.86 -16.64 -1.31
CA ALA C 145 9.91 -15.25 -1.70
C ALA C 145 9.66 -15.05 -3.19
N ILE C 146 10.27 -15.87 -4.03
CA ILE C 146 10.06 -15.77 -5.47
C ILE C 146 8.62 -16.14 -5.82
N GLU C 147 8.14 -17.22 -5.22
CA GLU C 147 6.77 -17.66 -5.43
C GLU C 147 5.80 -16.55 -5.00
N GLY C 148 6.04 -16.01 -3.81
CA GLY C 148 5.22 -14.96 -3.21
C GLY C 148 5.11 -13.77 -4.12
N TYR C 149 6.22 -13.39 -4.75
CA TYR C 149 6.21 -12.27 -5.66
C TYR C 149 5.32 -12.54 -6.85
N VAL C 150 5.45 -13.74 -7.43
CA VAL C 150 4.66 -14.09 -8.61
C VAL C 150 3.18 -14.13 -8.27
N LEU C 151 2.84 -14.70 -7.12
CA LEU C 151 1.45 -14.75 -6.72
C LEU C 151 0.86 -13.37 -6.47
N ALA C 152 1.66 -12.47 -5.91
CA ALA C 152 1.21 -11.12 -5.61
C ALA C 152 1.22 -10.20 -6.84
N ASN C 153 1.87 -10.59 -7.93
CA ASN C 153 1.96 -9.76 -9.13
C ASN C 153 1.58 -10.61 -10.34
N PRO C 154 0.33 -11.12 -10.41
CA PRO C 154 -0.06 -12.14 -11.43
C PRO C 154 0.16 -11.77 -12.91
N THR C 155 0.02 -10.49 -13.25
CA THR C 155 0.20 -9.97 -14.62
C THR C 155 1.63 -10.09 -15.13
N GLN C 156 2.58 -9.79 -14.25
CA GLN C 156 4.01 -9.74 -14.61
C GLN C 156 4.64 -11.01 -15.16
N TYR C 157 4.05 -12.18 -14.88
CA TYR C 157 4.58 -13.46 -15.37
C TYR C 157 3.59 -14.24 -16.23
#